data_5SVU
#
_entry.id   5SVU
#
_cell.length_a   85.351
_cell.length_b   85.351
_cell.length_c   200.000
_cell.angle_alpha   90.00
_cell.angle_beta   90.00
_cell.angle_gamma   120.00
#
_symmetry.space_group_name_H-M   'P 31 2 1'
#
loop_
_entity.id
_entity.type
_entity.pdbx_description
1 polymer 'Adagio protein 1'
2 non-polymer 'FLAVIN MONONUCLEOTIDE'
3 water water
#
_entity_poly.entity_id   1
_entity_poly.type   'polypeptide(L)'
_entity_poly.pdbx_seq_one_letter_code
;GGPIPYPVGNLLHTAPCGFVVTDAVEPDQPIIYVNTVFEMVTGYRAEEVLGRNCRFLQCRGPFAKRRHPLVDSMVVSEIR
KCIDEGIEFQGELLNFRKDGSPLMNRLRLTPIYGDDDTITHIIGIQFFIETDIDLGP
;
_entity_poly.pdbx_strand_id   B,A,C,D
#
loop_
_chem_comp.id
_chem_comp.type
_chem_comp.name
_chem_comp.formula
FMN non-polymer 'FLAVIN MONONUCLEOTIDE' 'C17 H21 N4 O9 P'
#
# COMPACT_ATOMS: atom_id res chain seq x y z
N PRO A 3 27.92 -19.72 16.62
CA PRO A 3 27.12 -20.76 17.28
C PRO A 3 26.61 -21.79 16.27
N ILE A 4 26.12 -22.91 16.80
CA ILE A 4 25.58 -23.99 15.98
C ILE A 4 24.14 -23.62 15.55
N PRO A 5 23.79 -23.88 14.27
CA PRO A 5 22.45 -23.43 13.89
C PRO A 5 21.34 -24.28 14.52
N TYR A 6 20.11 -23.74 14.49
CA TYR A 6 18.96 -24.48 14.96
C TYR A 6 18.06 -24.84 13.79
N PRO A 7 17.81 -26.15 13.57
CA PRO A 7 17.06 -26.52 12.37
C PRO A 7 15.63 -26.08 12.39
N VAL A 8 15.19 -25.87 11.18
CA VAL A 8 13.81 -25.57 10.91
C VAL A 8 13.04 -26.91 10.87
N GLY A 9 11.78 -26.87 11.31
CA GLY A 9 10.87 -27.99 11.11
C GLY A 9 10.96 -29.16 12.08
N ASN A 10 11.47 -28.92 13.27
CA ASN A 10 11.59 -29.99 14.28
C ASN A 10 10.27 -30.60 14.71
N LEU A 11 9.16 -29.93 14.45
CA LEU A 11 7.85 -30.47 14.83
C LEU A 11 6.92 -30.69 13.64
N LEU A 12 7.45 -31.08 12.48
CA LEU A 12 6.59 -31.45 11.33
C LEU A 12 5.59 -32.50 11.75
N HIS A 13 6.11 -33.48 12.47
CA HIS A 13 5.32 -34.59 13.00
C HIS A 13 4.12 -34.11 13.83
N THR A 14 4.00 -32.82 14.12
CA THR A 14 2.84 -32.25 14.81
C THR A 14 1.89 -31.49 13.86
N ALA A 15 2.12 -31.61 12.54
CA ALA A 15 1.31 -30.91 11.54
C ALA A 15 -0.02 -31.62 11.48
N PRO A 16 -1.10 -30.94 11.83
CA PRO A 16 -2.41 -31.61 11.94
C PRO A 16 -3.20 -31.89 10.66
N CYS A 17 -2.73 -31.44 9.51
CA CYS A 17 -3.54 -31.39 8.31
C CYS A 17 -2.67 -31.31 7.09
N GLY A 18 -3.19 -31.75 5.96
CA GLY A 18 -2.55 -31.46 4.71
C GLY A 18 -2.78 -30.00 4.31
N PHE A 19 -1.84 -29.49 3.52
CA PHE A 19 -1.96 -28.19 2.86
C PHE A 19 -1.67 -28.35 1.41
N VAL A 20 -2.48 -27.68 0.61
CA VAL A 20 -2.32 -27.66 -0.83
C VAL A 20 -2.46 -26.23 -1.27
N VAL A 21 -1.59 -25.79 -2.16
CA VAL A 21 -1.73 -24.49 -2.79
C VAL A 21 -1.83 -24.69 -4.30
N THR A 22 -2.88 -24.13 -4.89
CA THR A 22 -3.04 -24.10 -6.33
C THR A 22 -2.90 -22.67 -6.89
N ASP A 23 -2.44 -22.60 -8.14
CA ASP A 23 -2.31 -21.36 -8.89
C ASP A 23 -3.61 -20.99 -9.60
N ALA A 24 -4.27 -19.93 -9.15
CA ALA A 24 -5.64 -19.62 -9.58
C ALA A 24 -5.72 -18.91 -10.93
N VAL A 25 -4.56 -18.72 -11.54
CA VAL A 25 -4.40 -17.91 -12.73
C VAL A 25 -4.18 -18.82 -13.95
N GLU A 26 -3.37 -19.86 -13.74
CA GLU A 26 -3.21 -20.91 -14.71
C GLU A 26 -4.53 -21.61 -14.87
N PRO A 27 -4.75 -22.27 -16.02
CA PRO A 27 -6.01 -23.00 -16.21
C PRO A 27 -6.10 -24.28 -15.35
N ASP A 28 -7.28 -24.47 -14.76
CA ASP A 28 -7.63 -25.69 -13.99
C ASP A 28 -6.84 -25.89 -12.68
N GLN A 29 -6.61 -24.80 -11.96
CA GLN A 29 -6.06 -24.87 -10.60
C GLN A 29 -4.91 -25.87 -10.43
N PRO A 30 -3.82 -25.68 -11.16
CA PRO A 30 -2.71 -26.64 -11.01
C PRO A 30 -2.09 -26.57 -9.62
N ILE A 31 -1.73 -27.71 -9.03
CA ILE A 31 -1.08 -27.70 -7.72
C ILE A 31 0.37 -27.16 -7.82
N ILE A 32 0.70 -26.12 -7.05
CA ILE A 32 2.09 -25.63 -7.00
C ILE A 32 2.83 -26.03 -5.74
N TYR A 33 2.09 -26.53 -4.74
CA TYR A 33 2.66 -26.98 -3.48
C TYR A 33 1.73 -27.93 -2.72
N VAL A 34 2.32 -28.92 -2.05
CA VAL A 34 1.62 -29.80 -1.14
C VAL A 34 2.59 -30.01 0.03
N ASN A 35 2.10 -30.11 1.26
CA ASN A 35 3.00 -30.31 2.40
C ASN A 35 3.29 -31.79 2.64
N THR A 36 4.03 -32.11 3.70
CA THR A 36 4.46 -33.46 3.95
C THR A 36 3.35 -34.35 4.54
N VAL A 37 2.40 -33.79 5.29
CA VAL A 37 1.25 -34.58 5.77
C VAL A 37 0.43 -35.13 4.57
N PHE A 38 0.28 -34.32 3.54
CA PHE A 38 -0.38 -34.72 2.32
C PHE A 38 0.33 -35.90 1.66
N GLU A 39 1.64 -35.74 1.45
CA GLU A 39 2.47 -36.82 0.92
C GLU A 39 2.33 -38.14 1.69
N MET A 40 2.34 -38.03 3.01
CA MET A 40 2.42 -39.16 3.89
C MET A 40 1.06 -39.85 3.89
N VAL A 41 0.02 -39.08 4.14
CA VAL A 41 -1.33 -39.62 4.20
C VAL A 41 -1.82 -40.20 2.86
N THR A 42 -1.74 -39.40 1.79
CA THR A 42 -2.29 -39.82 0.52
C THR A 42 -1.42 -40.83 -0.16
N GLY A 43 -0.15 -40.85 0.23
CA GLY A 43 0.82 -41.74 -0.37
C GLY A 43 1.42 -41.24 -1.65
N TYR A 44 0.92 -40.11 -2.17
CA TYR A 44 1.45 -39.51 -3.39
C TYR A 44 2.54 -38.53 -3.00
N ARG A 45 3.65 -38.54 -3.70
CA ARG A 45 4.74 -37.68 -3.33
C ARG A 45 4.76 -36.47 -4.23
N ALA A 46 5.31 -35.37 -3.71
CA ALA A 46 5.17 -34.05 -4.33
C ALA A 46 5.40 -34.03 -5.83
N GLU A 47 6.51 -34.59 -6.29
CA GLU A 47 6.84 -34.58 -7.72
C GLU A 47 5.73 -35.17 -8.62
N GLU A 48 5.02 -36.20 -8.17
CA GLU A 48 3.95 -36.77 -9.01
C GLU A 48 2.66 -35.93 -9.05
N VAL A 49 2.42 -35.10 -8.03
CA VAL A 49 1.17 -34.33 -8.00
C VAL A 49 1.35 -32.88 -8.50
N LEU A 50 2.58 -32.36 -8.56
CA LEU A 50 2.71 -30.95 -8.98
C LEU A 50 2.30 -30.77 -10.40
N GLY A 51 1.57 -29.70 -10.63
CA GLY A 51 1.13 -29.33 -11.96
C GLY A 51 -0.19 -29.92 -12.35
N ARG A 52 -0.66 -30.88 -11.54
CA ARG A 52 -1.98 -31.48 -11.76
C ARG A 52 -3.08 -30.86 -10.88
N ASN A 53 -4.32 -31.16 -11.25
CA ASN A 53 -5.48 -30.79 -10.46
C ASN A 53 -5.70 -31.83 -9.37
N CYS A 54 -6.11 -31.38 -8.18
N CYS A 54 -6.13 -31.39 -8.19
CA CYS A 54 -6.23 -32.27 -7.02
CA CYS A 54 -6.19 -32.28 -7.04
C CYS A 54 -7.24 -33.40 -7.22
C CYS A 54 -7.34 -33.30 -7.12
N ARG A 55 -8.13 -33.24 -8.19
CA ARG A 55 -9.24 -34.20 -8.40
C ARG A 55 -8.78 -35.65 -8.61
N PHE A 56 -7.50 -35.85 -8.88
CA PHE A 56 -6.99 -37.21 -9.02
C PHE A 56 -7.18 -38.02 -7.74
N LEU A 57 -7.25 -37.33 -6.60
CA LEU A 57 -7.51 -38.02 -5.34
C LEU A 57 -8.89 -38.65 -5.27
N GLN A 58 -9.79 -38.28 -6.17
CA GLN A 58 -11.13 -38.90 -6.23
C GLN A 58 -11.16 -40.21 -7.04
N CYS A 59 -10.09 -40.43 -7.80
CA CYS A 59 -9.83 -41.71 -8.43
C CYS A 59 -9.21 -42.74 -7.48
N ARG A 60 -9.64 -44.01 -7.60
CA ARG A 60 -9.09 -45.04 -6.72
C ARG A 60 -7.70 -45.47 -7.19
N GLY A 61 -6.75 -44.67 -6.73
CA GLY A 61 -5.36 -44.91 -7.01
C GLY A 61 -4.92 -44.34 -8.31
N PRO A 62 -3.64 -44.55 -8.64
CA PRO A 62 -3.01 -43.93 -9.81
C PRO A 62 -3.42 -44.52 -11.14
N PHE A 63 -4.05 -45.68 -11.24
CA PHE A 63 -4.36 -46.20 -12.58
C PHE A 63 -5.83 -46.17 -12.92
N ALA A 64 -6.61 -45.37 -12.20
CA ALA A 64 -7.99 -45.12 -12.54
C ALA A 64 -8.10 -43.72 -13.09
N LYS A 65 -8.51 -43.60 -14.35
CA LYS A 65 -8.57 -42.32 -15.02
C LYS A 65 -9.66 -41.40 -14.45
N ARG A 66 -10.80 -41.95 -14.01
CA ARG A 66 -11.96 -41.13 -13.62
C ARG A 66 -12.42 -41.29 -12.17
N ARG A 67 -13.12 -40.28 -11.68
CA ARG A 67 -13.60 -40.23 -10.31
C ARG A 67 -14.43 -41.46 -10.00
N HIS A 68 -14.14 -42.07 -8.84
CA HIS A 68 -14.81 -43.26 -8.36
C HIS A 68 -16.30 -42.98 -8.08
N PRO A 69 -17.18 -43.94 -8.41
CA PRO A 69 -18.63 -43.70 -8.28
C PRO A 69 -19.11 -43.48 -6.85
N LEU A 70 -18.27 -43.80 -5.86
CA LEU A 70 -18.66 -43.65 -4.46
C LEU A 70 -18.41 -42.26 -3.90
N VAL A 71 -17.63 -41.43 -4.58
CA VAL A 71 -17.38 -40.10 -4.06
C VAL A 71 -18.60 -39.27 -4.49
N ASP A 72 -19.01 -38.37 -3.61
CA ASP A 72 -20.25 -37.63 -3.70
C ASP A 72 -20.20 -36.59 -4.80
N SER A 73 -20.99 -36.87 -5.83
CA SER A 73 -20.99 -36.06 -7.04
C SER A 73 -21.62 -34.71 -6.70
N MET A 74 -22.48 -34.68 -5.70
CA MET A 74 -23.06 -33.42 -5.26
C MET A 74 -22.01 -32.52 -4.57
N VAL A 75 -21.22 -33.07 -3.66
CA VAL A 75 -20.19 -32.30 -3.01
C VAL A 75 -19.15 -31.82 -4.04
N VAL A 76 -18.75 -32.69 -4.96
CA VAL A 76 -17.77 -32.32 -5.99
C VAL A 76 -18.23 -31.08 -6.74
N SER A 77 -19.54 -31.04 -6.97
CA SER A 77 -20.20 -29.95 -7.67
C SER A 77 -20.19 -28.65 -6.85
N GLU A 78 -20.51 -28.72 -5.56
CA GLU A 78 -20.44 -27.54 -4.71
C GLU A 78 -19.00 -26.96 -4.66
N ILE A 79 -17.99 -27.83 -4.69
CA ILE A 79 -16.59 -27.41 -4.66
C ILE A 79 -16.28 -26.58 -5.90
N ARG A 80 -16.67 -27.13 -7.05
CA ARG A 80 -16.50 -26.48 -8.35
C ARG A 80 -17.10 -25.08 -8.38
N LYS A 81 -18.35 -25.00 -7.94
CA LYS A 81 -19.07 -23.75 -7.77
C LYS A 81 -18.33 -22.75 -6.91
N CYS A 82 -17.93 -23.18 -5.71
CA CYS A 82 -17.19 -22.35 -4.78
C CYS A 82 -15.91 -21.79 -5.32
N ILE A 83 -15.14 -22.64 -5.99
CA ILE A 83 -13.87 -22.22 -6.55
C ILE A 83 -14.08 -21.16 -7.60
N ASP A 84 -14.93 -21.50 -8.55
CA ASP A 84 -15.25 -20.62 -9.67
C ASP A 84 -15.94 -19.31 -9.19
N GLU A 85 -16.63 -19.35 -8.06
CA GLU A 85 -17.23 -18.16 -7.50
C GLU A 85 -16.30 -17.39 -6.56
N GLY A 86 -15.02 -17.78 -6.56
CA GLY A 86 -14.04 -17.16 -5.69
C GLY A 86 -14.39 -17.07 -4.21
N ILE A 87 -15.12 -18.06 -3.72
CA ILE A 87 -15.48 -18.10 -2.29
C ILE A 87 -14.89 -19.30 -1.59
N GLU A 88 -15.09 -19.37 -0.28
CA GLU A 88 -14.53 -20.43 0.53
C GLU A 88 -15.47 -21.63 0.52
N PHE A 89 -14.92 -22.78 0.90
CA PHE A 89 -15.65 -24.04 0.91
C PHE A 89 -15.24 -24.85 2.13
N GLN A 90 -16.19 -25.53 2.75
CA GLN A 90 -15.81 -26.63 3.63
C GLN A 90 -16.79 -27.79 3.47
N GLY A 91 -16.24 -29.00 3.48
CA GLY A 91 -17.07 -30.18 3.35
C GLY A 91 -16.27 -31.45 3.41
N GLU A 92 -16.96 -32.55 3.25
CA GLU A 92 -16.33 -33.83 3.35
C GLU A 92 -16.45 -34.61 2.06
N LEU A 93 -15.32 -35.18 1.65
CA LEU A 93 -15.17 -35.88 0.39
C LEU A 93 -14.45 -37.20 0.53
N LEU A 94 -14.97 -38.25 -0.10
CA LEU A 94 -14.21 -39.51 -0.24
C LEU A 94 -13.02 -39.31 -1.17
N ASN A 95 -11.81 -39.57 -0.66
CA ASN A 95 -10.61 -39.67 -1.49
C ASN A 95 -9.97 -41.05 -1.37
N PHE A 96 -8.93 -41.30 -2.14
CA PHE A 96 -8.23 -42.56 -2.07
C PHE A 96 -6.72 -42.33 -1.98
N ARG A 97 -6.06 -43.08 -1.09
CA ARG A 97 -4.59 -43.16 -1.10
C ARG A 97 -4.12 -43.78 -2.40
N LYS A 98 -2.84 -43.61 -2.70
CA LYS A 98 -2.19 -44.23 -3.84
C LYS A 98 -2.42 -45.76 -3.85
N ASP A 99 -2.51 -46.37 -2.67
CA ASP A 99 -2.61 -47.80 -2.50
C ASP A 99 -4.08 -48.26 -2.60
N GLY A 100 -4.98 -47.29 -2.73
CA GLY A 100 -6.35 -47.52 -3.15
C GLY A 100 -7.31 -47.48 -1.99
N SER A 101 -6.78 -47.31 -0.79
CA SER A 101 -7.64 -47.36 0.39
C SER A 101 -8.42 -46.05 0.57
N PRO A 102 -9.66 -46.17 1.04
CA PRO A 102 -10.45 -44.97 1.29
C PRO A 102 -9.83 -43.96 2.28
N LEU A 103 -10.03 -42.69 1.97
CA LEU A 103 -9.64 -41.56 2.81
C LEU A 103 -10.87 -40.71 2.92
N MET A 104 -11.24 -40.28 4.11
CA MET A 104 -12.30 -39.27 4.24
C MET A 104 -11.66 -37.93 4.48
N ASN A 105 -11.85 -37.03 3.54
CA ASN A 105 -11.13 -35.78 3.51
C ASN A 105 -12.08 -34.63 3.89
N ARG A 106 -11.91 -34.09 5.10
CA ARG A 106 -12.61 -32.87 5.50
C ARG A 106 -11.82 -31.67 4.94
N LEU A 107 -12.28 -31.19 3.78
CA LEU A 107 -11.60 -30.18 3.00
C LEU A 107 -12.11 -28.76 3.19
N ARG A 108 -11.20 -27.81 3.45
CA ARG A 108 -11.56 -26.40 3.49
C ARG A 108 -10.71 -25.71 2.43
N LEU A 109 -11.40 -24.97 1.57
CA LEU A 109 -10.78 -24.18 0.51
C LEU A 109 -10.95 -22.68 0.79
N THR A 110 -9.85 -21.94 0.79
CA THR A 110 -9.95 -20.51 0.94
C THR A 110 -9.17 -19.81 -0.18
N PRO A 111 -9.74 -18.78 -0.80
CA PRO A 111 -9.03 -18.08 -1.86
C PRO A 111 -8.09 -17.00 -1.30
N ILE A 112 -6.99 -16.78 -1.99
CA ILE A 112 -6.05 -15.75 -1.66
C ILE A 112 -6.13 -14.67 -2.71
N TYR A 113 -6.67 -13.51 -2.30
CA TYR A 113 -6.69 -12.33 -3.15
C TYR A 113 -5.33 -11.65 -3.13
N GLY A 114 -4.85 -11.26 -4.31
CA GLY A 114 -3.57 -10.60 -4.37
C GLY A 114 -3.73 -9.08 -4.50
N ASP A 115 -2.69 -8.45 -5.03
CA ASP A 115 -2.86 -7.15 -5.66
C ASP A 115 -3.95 -7.31 -6.72
N ASP A 116 -4.61 -6.21 -7.06
CA ASP A 116 -5.68 -6.20 -8.07
C ASP A 116 -6.98 -6.72 -7.52
N ASP A 117 -7.02 -7.08 -6.23
CA ASP A 117 -8.24 -7.64 -5.67
C ASP A 117 -8.73 -8.79 -6.53
N THR A 118 -7.74 -9.51 -7.04
CA THR A 118 -7.98 -10.66 -7.89
C THR A 118 -7.33 -11.90 -7.24
N ILE A 119 -7.94 -13.06 -7.46
CA ILE A 119 -7.51 -14.28 -6.80
C ILE A 119 -6.27 -14.84 -7.50
N THR A 120 -5.19 -15.00 -6.74
CA THR A 120 -3.94 -15.54 -7.27
C THR A 120 -3.68 -17.01 -6.90
N HIS A 121 -4.26 -17.44 -5.78
CA HIS A 121 -4.04 -18.76 -5.21
C HIS A 121 -5.32 -19.21 -4.55
N ILE A 122 -5.44 -20.53 -4.45
CA ILE A 122 -6.35 -21.14 -3.48
C ILE A 122 -5.58 -22.07 -2.57
N ILE A 123 -5.91 -22.00 -1.28
CA ILE A 123 -5.37 -22.88 -0.26
C ILE A 123 -6.37 -23.98 0.08
N GLY A 124 -5.91 -25.24 0.04
CA GLY A 124 -6.70 -26.34 0.54
C GLY A 124 -6.11 -26.87 1.83
N ILE A 125 -6.95 -27.05 2.84
CA ILE A 125 -6.53 -27.59 4.11
C ILE A 125 -7.28 -28.90 4.23
N GLN A 126 -6.52 -29.97 4.41
CA GLN A 126 -7.12 -31.30 4.50
C GLN A 126 -6.98 -31.92 5.85
N PHE A 127 -8.10 -32.04 6.52
CA PHE A 127 -8.23 -32.84 7.74
C PHE A 127 -8.76 -34.24 7.38
N PHE A 128 -7.86 -35.20 7.40
CA PHE A 128 -8.23 -36.56 7.14
C PHE A 128 -8.85 -37.20 8.38
N ILE A 129 -10.13 -37.49 8.29
CA ILE A 129 -10.90 -37.98 9.41
C ILE A 129 -11.25 -39.46 9.22
N GLU A 130 -11.91 -40.04 10.23
CA GLU A 130 -12.24 -41.47 10.23
C GLU A 130 -13.48 -41.69 9.40
N THR A 131 -13.54 -42.86 8.76
CA THR A 131 -14.74 -43.22 7.99
C THR A 131 -14.98 -44.70 8.15
N ASP A 132 -16.24 -45.10 8.05
CA ASP A 132 -16.59 -46.51 8.06
C ASP A 132 -16.56 -47.10 6.64
N ILE A 133 -16.39 -46.26 5.63
CA ILE A 133 -16.32 -46.71 4.26
C ILE A 133 -15.16 -47.67 4.10
N ASP A 134 -15.46 -48.73 3.37
CA ASP A 134 -14.66 -49.92 3.39
C ASP A 134 -15.06 -50.68 2.15
N LEU A 135 -14.16 -50.77 1.19
CA LEU A 135 -14.49 -51.34 -0.11
C LEU A 135 -14.11 -52.82 -0.14
N GLY A 136 -14.13 -53.40 1.06
CA GLY A 136 -13.89 -54.80 1.25
C GLY A 136 -12.45 -55.15 0.94
N PRO A 137 -12.16 -56.46 1.00
CA PRO A 137 -10.86 -56.94 0.53
C PRO A 137 -10.83 -57.07 -1.01
N HIS B 13 11.24 -25.69 -4.29
CA HIS B 13 10.34 -26.78 -3.98
C HIS B 13 9.63 -26.54 -2.63
N THR B 14 9.41 -25.26 -2.32
CA THR B 14 8.99 -24.80 -0.96
C THR B 14 7.62 -24.11 -0.95
N ALA B 15 6.91 -24.17 0.17
CA ALA B 15 5.60 -23.49 0.28
C ALA B 15 5.72 -21.96 0.01
N PRO B 16 4.73 -21.39 -0.70
CA PRO B 16 4.83 -19.97 -1.00
C PRO B 16 4.49 -19.05 0.19
N CYS B 17 4.14 -19.64 1.31
CA CYS B 17 3.57 -18.89 2.40
C CYS B 17 3.81 -19.56 3.74
N GLY B 18 3.61 -18.80 4.79
CA GLY B 18 3.60 -19.39 6.11
C GLY B 18 2.22 -19.98 6.32
N PHE B 19 2.20 -21.04 7.11
CA PHE B 19 1.01 -21.69 7.62
C PHE B 19 1.11 -21.71 9.12
N VAL B 20 -0.01 -21.38 9.77
CA VAL B 20 -0.15 -21.39 11.20
C VAL B 20 -1.50 -22.00 11.52
N VAL B 21 -1.49 -22.96 12.44
CA VAL B 21 -2.73 -23.54 12.95
C VAL B 21 -2.83 -23.22 14.43
N THR B 22 -3.99 -22.70 14.83
CA THR B 22 -4.27 -22.44 16.25
C THR B 22 -5.45 -23.29 16.66
N ASP B 23 -5.51 -23.51 17.96
CA ASP B 23 -6.59 -24.23 18.62
C ASP B 23 -7.67 -23.26 19.05
N ALA B 24 -8.81 -23.29 18.36
CA ALA B 24 -9.90 -22.37 18.63
C ALA B 24 -10.66 -22.70 19.91
N VAL B 25 -10.31 -23.82 20.53
CA VAL B 25 -11.04 -24.29 21.69
C VAL B 25 -10.41 -23.68 22.92
N GLU B 26 -9.11 -23.85 23.05
CA GLU B 26 -8.35 -23.24 24.11
C GLU B 26 -8.49 -21.74 24.06
N PRO B 27 -8.27 -21.08 25.22
CA PRO B 27 -8.44 -19.62 25.25
C PRO B 27 -7.32 -18.95 24.51
N ASP B 28 -7.69 -17.94 23.74
CA ASP B 28 -6.71 -17.10 23.05
C ASP B 28 -5.88 -17.81 21.95
N GLN B 29 -6.46 -18.79 21.25
CA GLN B 29 -5.89 -19.29 20.00
C GLN B 29 -4.41 -19.63 20.07
N PRO B 30 -4.05 -20.52 20.99
CA PRO B 30 -2.63 -20.89 21.01
C PRO B 30 -2.22 -21.52 19.71
N ILE B 31 -1.00 -21.25 19.28
CA ILE B 31 -0.42 -21.92 18.13
C ILE B 31 -0.18 -23.37 18.51
N ILE B 32 -0.72 -24.30 17.70
CA ILE B 32 -0.40 -25.72 17.80
C ILE B 32 0.55 -26.19 16.66
N TYR B 33 0.72 -25.39 15.61
CA TYR B 33 1.58 -25.74 14.49
C TYR B 33 1.95 -24.51 13.63
N VAL B 34 3.22 -24.39 13.29
CA VAL B 34 3.66 -23.47 12.24
C VAL B 34 4.50 -24.26 11.25
N ASN B 35 4.57 -23.78 10.01
CA ASN B 35 5.38 -24.47 8.98
C ASN B 35 6.79 -23.91 8.91
N THR B 36 7.57 -24.42 7.98
CA THR B 36 9.00 -24.11 7.93
C THR B 36 9.27 -22.75 7.31
N VAL B 37 8.46 -22.36 6.34
CA VAL B 37 8.51 -20.99 5.81
C VAL B 37 8.28 -19.95 6.92
N PHE B 38 7.29 -20.17 7.78
CA PHE B 38 7.08 -19.31 8.92
C PHE B 38 8.35 -19.18 9.76
N GLU B 39 9.00 -20.31 10.01
CA GLU B 39 10.19 -20.31 10.81
C GLU B 39 11.34 -19.60 10.12
N MET B 40 11.56 -19.91 8.86
CA MET B 40 12.65 -19.29 8.15
C MET B 40 12.51 -17.79 7.97
N VAL B 41 11.32 -17.34 7.59
CA VAL B 41 11.06 -15.92 7.35
C VAL B 41 11.03 -15.10 8.64
N THR B 42 10.32 -15.57 9.66
CA THR B 42 10.15 -14.77 10.89
C THR B 42 11.33 -14.93 11.84
N GLY B 43 12.14 -15.97 11.64
CA GLY B 43 13.31 -16.23 12.47
C GLY B 43 13.02 -16.95 13.77
N TYR B 44 11.73 -17.17 14.05
CA TYR B 44 11.30 -17.93 15.21
C TYR B 44 11.32 -19.43 14.91
N ARG B 45 11.47 -20.25 15.95
CA ARG B 45 11.41 -21.68 15.77
C ARG B 45 10.14 -22.20 16.39
N ALA B 46 9.64 -23.30 15.84
CA ALA B 46 8.37 -23.85 16.25
C ALA B 46 8.32 -23.98 17.76
N GLU B 47 9.43 -24.40 18.35
CA GLU B 47 9.43 -24.66 19.77
C GLU B 47 9.20 -23.39 20.60
N GLU B 48 9.76 -22.23 20.20
CA GLU B 48 9.57 -21.03 21.00
C GLU B 48 8.20 -20.36 20.78
N VAL B 49 7.48 -20.74 19.73
CA VAL B 49 6.18 -20.10 19.42
C VAL B 49 4.99 -20.97 19.82
N LEU B 50 5.17 -22.29 19.82
CA LEU B 50 4.09 -23.19 20.18
C LEU B 50 3.48 -22.77 21.51
N GLY B 51 2.16 -22.74 21.54
CA GLY B 51 1.39 -22.41 22.72
C GLY B 51 1.08 -20.93 22.92
N ARG B 52 1.78 -20.07 22.21
CA ARG B 52 1.58 -18.63 22.30
C ARG B 52 0.56 -18.12 21.27
N ASN B 53 0.08 -16.90 21.49
CA ASN B 53 -0.75 -16.24 20.50
C ASN B 53 0.14 -15.57 19.45
N CYS B 54 -0.30 -15.56 18.20
CA CYS B 54 0.47 -14.96 17.11
C CYS B 54 0.79 -13.47 17.27
N ARG B 55 0.12 -12.80 18.20
CA ARG B 55 0.29 -11.36 18.33
C ARG B 55 1.69 -10.94 18.76
N PHE B 56 2.56 -11.87 19.20
CA PHE B 56 3.97 -11.52 19.45
C PHE B 56 4.70 -11.03 18.16
N LEU B 57 4.17 -11.39 16.99
CA LEU B 57 4.73 -10.94 15.73
C LEU B 57 4.56 -9.44 15.52
N GLN B 58 3.67 -8.82 16.29
CA GLN B 58 3.42 -7.38 16.19
C GLN B 58 4.30 -6.55 17.13
N CYS B 59 5.13 -7.24 17.92
CA CYS B 59 6.04 -6.63 18.85
C CYS B 59 7.44 -6.79 18.31
N ARG B 60 8.25 -5.74 18.41
CA ARG B 60 9.51 -5.73 17.69
C ARG B 60 10.59 -6.61 18.30
N GLY B 61 10.56 -7.87 17.88
CA GLY B 61 11.38 -8.92 18.48
C GLY B 61 10.89 -9.38 19.84
N PRO B 62 11.58 -10.39 20.42
CA PRO B 62 11.06 -11.02 21.65
C PRO B 62 11.23 -10.18 22.93
N PHE B 63 11.95 -9.05 22.88
CA PHE B 63 12.14 -8.21 24.06
C PHE B 63 11.40 -6.87 23.99
N ALA B 64 10.59 -6.68 22.97
CA ALA B 64 9.58 -5.65 22.95
C ALA B 64 8.33 -6.23 23.61
N LYS B 65 7.77 -5.51 24.56
CA LYS B 65 6.64 -6.03 25.32
C LYS B 65 5.31 -5.36 24.92
N ARG B 66 5.35 -4.47 23.94
CA ARG B 66 4.16 -3.76 23.49
C ARG B 66 4.05 -3.85 21.97
N ARG B 67 2.82 -3.85 21.47
CA ARG B 67 2.59 -3.78 20.07
C ARG B 67 3.27 -2.52 19.56
N HIS B 68 3.86 -2.63 18.40
CA HIS B 68 4.54 -1.51 17.79
C HIS B 68 3.50 -0.58 17.20
N PRO B 69 3.77 0.72 17.21
CA PRO B 69 2.74 1.69 16.79
C PRO B 69 2.43 1.70 15.29
N LEU B 70 3.33 1.17 14.48
CA LEU B 70 3.12 1.15 13.05
C LEU B 70 2.31 -0.05 12.59
N VAL B 71 2.03 -0.95 13.52
CA VAL B 71 1.04 -2.03 13.32
C VAL B 71 -0.39 -1.48 13.34
N ASP B 72 -1.11 -1.68 12.24
CA ASP B 72 -2.40 -1.04 11.93
C ASP B 72 -3.48 -1.58 12.83
N SER B 73 -3.84 -0.80 13.84
CA SER B 73 -4.73 -1.28 14.88
C SER B 73 -6.15 -1.51 14.31
N MET B 74 -6.45 -0.85 13.20
CA MET B 74 -7.71 -1.06 12.53
C MET B 74 -7.81 -2.49 11.96
N VAL B 75 -6.69 -2.98 11.47
CA VAL B 75 -6.62 -4.29 10.89
C VAL B 75 -6.62 -5.29 12.03
N VAL B 76 -5.87 -4.99 13.10
CA VAL B 76 -5.88 -5.88 14.26
C VAL B 76 -7.31 -6.04 14.79
N SER B 77 -8.09 -4.96 14.76
CA SER B 77 -9.46 -5.01 15.20
C SER B 77 -10.34 -5.87 14.34
N GLU B 78 -10.29 -5.62 13.04
CA GLU B 78 -10.97 -6.48 12.06
C GLU B 78 -10.61 -7.96 12.28
N ILE B 79 -9.33 -8.27 12.50
CA ILE B 79 -8.91 -9.65 12.74
C ILE B 79 -9.59 -10.22 13.95
N ARG B 80 -9.66 -9.43 15.02
CA ARG B 80 -10.37 -9.84 16.23
C ARG B 80 -11.84 -10.14 15.96
N LYS B 81 -12.56 -9.25 15.25
CA LYS B 81 -13.98 -9.43 14.94
C LYS B 81 -14.17 -10.73 14.16
N CYS B 82 -13.29 -10.94 13.19
CA CYS B 82 -13.37 -12.09 12.30
C CYS B 82 -13.21 -13.42 13.06
N ILE B 83 -12.16 -13.52 13.87
CA ILE B 83 -11.96 -14.68 14.71
C ILE B 83 -13.19 -14.91 15.60
N ASP B 84 -13.63 -13.86 16.29
CA ASP B 84 -14.78 -13.96 17.19
C ASP B 84 -16.08 -14.39 16.50
N GLU B 85 -16.30 -13.89 15.29
CA GLU B 85 -17.53 -14.18 14.55
C GLU B 85 -17.35 -15.36 13.59
N GLY B 86 -16.22 -16.04 13.71
CA GLY B 86 -16.00 -17.29 12.99
C GLY B 86 -16.02 -17.14 11.51
N ILE B 87 -15.45 -16.06 11.00
CA ILE B 87 -15.44 -15.80 9.57
C ILE B 87 -14.04 -15.55 9.01
N GLU B 88 -13.98 -15.26 7.73
CA GLU B 88 -12.74 -15.24 7.00
C GLU B 88 -12.15 -13.89 7.27
N PHE B 89 -10.82 -13.79 7.12
CA PHE B 89 -10.17 -12.51 7.17
C PHE B 89 -9.12 -12.45 6.06
N GLN B 90 -8.95 -11.29 5.44
CA GLN B 90 -7.73 -11.02 4.71
C GLN B 90 -7.36 -9.59 4.94
N GLY B 91 -6.05 -9.34 5.09
CA GLY B 91 -5.56 -8.00 5.30
C GLY B 91 -4.07 -7.94 5.36
N GLU B 92 -3.52 -6.78 5.66
CA GLU B 92 -2.08 -6.62 5.72
C GLU B 92 -1.65 -5.87 6.97
N LEU B 93 -0.53 -6.31 7.49
CA LEU B 93 -0.17 -6.04 8.85
C LEU B 93 1.33 -5.99 8.98
N LEU B 94 1.88 -4.91 9.52
CA LEU B 94 3.27 -4.92 9.91
C LEU B 94 3.53 -5.99 10.97
N ASN B 95 4.53 -6.84 10.73
CA ASN B 95 5.07 -7.72 11.75
C ASN B 95 6.58 -7.57 11.75
N PHE B 96 7.23 -8.26 12.68
CA PHE B 96 8.68 -8.18 12.81
C PHE B 96 9.26 -9.55 13.04
N ARG B 97 10.44 -9.76 12.47
CA ARG B 97 11.23 -10.96 12.69
C ARG B 97 11.71 -11.01 14.12
N LYS B 98 12.23 -12.16 14.54
CA LYS B 98 12.85 -12.31 15.85
C LYS B 98 13.94 -11.24 16.10
N ASP B 99 14.63 -10.82 15.04
CA ASP B 99 15.70 -9.82 15.14
C ASP B 99 15.21 -8.38 15.03
N GLY B 100 13.90 -8.19 15.01
CA GLY B 100 13.29 -6.87 14.96
C GLY B 100 13.08 -6.30 13.58
N SER B 101 13.56 -6.97 12.55
CA SER B 101 13.40 -6.41 11.21
C SER B 101 11.94 -6.49 10.78
N PRO B 102 11.45 -5.43 10.13
CA PRO B 102 10.04 -5.46 9.76
C PRO B 102 9.77 -6.25 8.51
N LEU B 103 8.48 -6.55 8.42
CA LEU B 103 7.90 -7.57 7.59
C LEU B 103 6.51 -7.12 7.28
N MET B 104 6.15 -7.14 6.01
CA MET B 104 4.74 -6.95 5.69
C MET B 104 4.10 -8.33 5.56
N ASN B 105 2.97 -8.52 6.24
CA ASN B 105 2.34 -9.80 6.35
C ASN B 105 0.95 -9.67 5.73
N ARG B 106 0.80 -10.20 4.52
CA ARG B 106 -0.51 -10.30 3.90
C ARG B 106 -1.16 -11.58 4.45
N LEU B 107 -2.03 -11.42 5.45
CA LEU B 107 -2.59 -12.52 6.23
C LEU B 107 -4.01 -12.92 5.83
N ARG B 108 -4.26 -14.23 5.76
CA ARG B 108 -5.60 -14.78 5.50
C ARG B 108 -5.91 -15.74 6.65
N LEU B 109 -7.06 -15.52 7.30
CA LEU B 109 -7.51 -16.41 8.37
C LEU B 109 -8.74 -17.12 7.92
N THR B 110 -8.77 -18.43 8.16
CA THR B 110 -9.92 -19.24 7.78
C THR B 110 -10.21 -20.29 8.87
N PRO B 111 -11.46 -20.32 9.35
CA PRO B 111 -11.81 -21.31 10.37
C PRO B 111 -12.04 -22.73 9.82
N ILE B 112 -11.78 -23.69 10.70
CA ILE B 112 -12.08 -25.09 10.46
C ILE B 112 -13.23 -25.50 11.39
N TYR B 113 -14.34 -25.91 10.80
CA TYR B 113 -15.43 -26.50 11.56
C TYR B 113 -15.19 -27.99 11.78
N GLY B 114 -15.40 -28.45 13.01
CA GLY B 114 -15.24 -29.86 13.33
C GLY B 114 -16.56 -30.64 13.32
N ASP B 115 -16.56 -31.80 13.98
CA ASP B 115 -17.69 -32.73 13.91
C ASP B 115 -19.00 -32.11 14.41
N ASP B 116 -18.88 -31.11 15.27
CA ASP B 116 -20.03 -30.55 15.98
C ASP B 116 -20.53 -29.27 15.36
N ASP B 117 -20.08 -28.98 14.14
CA ASP B 117 -20.31 -27.68 13.49
C ASP B 117 -19.83 -26.55 14.40
N THR B 118 -18.77 -26.85 15.13
CA THR B 118 -18.12 -25.92 16.05
C THR B 118 -16.77 -25.62 15.42
N ILE B 119 -16.21 -24.43 15.64
CA ILE B 119 -14.85 -24.16 15.14
C ILE B 119 -13.82 -24.79 16.07
N THR B 120 -12.95 -25.60 15.49
CA THR B 120 -11.95 -26.32 16.25
C THR B 120 -10.57 -25.66 16.11
N HIS B 121 -10.38 -25.05 14.94
CA HIS B 121 -9.07 -24.55 14.51
C HIS B 121 -9.27 -23.31 13.67
N ILE B 122 -8.21 -22.53 13.58
CA ILE B 122 -8.11 -21.44 12.60
C ILE B 122 -6.79 -21.62 11.89
N ILE B 123 -6.84 -21.47 10.58
CA ILE B 123 -5.66 -21.55 9.75
C ILE B 123 -5.30 -20.11 9.39
N GLY B 124 -4.03 -19.76 9.57
CA GLY B 124 -3.49 -18.50 9.06
C GLY B 124 -2.57 -18.76 7.88
N ILE B 125 -2.80 -18.07 6.76
CA ILE B 125 -1.89 -18.14 5.62
C ILE B 125 -1.18 -16.79 5.52
N GLN B 126 0.15 -16.84 5.54
CA GLN B 126 0.97 -15.62 5.55
C GLN B 126 1.82 -15.53 4.30
N PHE B 127 1.45 -14.58 3.48
CA PHE B 127 2.23 -14.15 2.36
C PHE B 127 3.04 -12.91 2.79
N PHE B 128 4.31 -13.15 3.06
CA PHE B 128 5.23 -12.13 3.51
C PHE B 128 5.74 -11.31 2.34
N ILE B 129 5.66 -9.98 2.49
CA ILE B 129 6.30 -8.98 1.62
C ILE B 129 7.51 -8.33 2.33
N GLU B 130 8.28 -7.51 1.61
CA GLU B 130 9.58 -7.03 2.13
C GLU B 130 9.65 -5.51 2.50
N THR B 131 10.88 -5.03 2.71
CA THR B 131 11.30 -4.12 3.81
C THR B 131 11.62 -2.61 3.59
N ASP B 132 12.17 -2.00 4.64
CA ASP B 132 12.31 -0.54 4.81
C ASP B 132 12.98 -0.35 6.21
N ILE B 133 13.25 0.89 6.65
CA ILE B 133 13.91 1.12 7.97
C ILE B 133 13.08 2.07 8.84
N PRO C 16 7.25 28.82 10.58
CA PRO C 16 7.84 28.12 9.42
C PRO C 16 6.93 26.99 8.88
N CYS C 17 6.17 27.31 7.83
CA CYS C 17 5.10 26.43 7.36
C CYS C 17 5.61 25.31 6.43
N GLY C 18 4.93 24.16 6.48
CA GLY C 18 5.08 23.16 5.44
C GLY C 18 4.35 23.68 4.18
N PHE C 19 4.69 23.15 3.01
CA PHE C 19 4.15 23.69 1.77
C PHE C 19 3.94 22.55 0.80
N VAL C 20 2.75 22.49 0.22
CA VAL C 20 2.42 21.34 -0.61
C VAL C 20 1.70 21.80 -1.89
N VAL C 21 2.05 21.19 -3.02
CA VAL C 21 1.33 21.45 -4.25
C VAL C 21 0.74 20.14 -4.73
N THR C 22 -0.51 20.20 -5.17
CA THR C 22 -1.16 19.07 -5.84
C THR C 22 -1.53 19.45 -7.27
N ASP C 23 -1.68 18.43 -8.11
CA ASP C 23 -2.18 18.58 -9.45
C ASP C 23 -3.71 18.37 -9.42
N ALA C 24 -4.46 19.45 -9.69
CA ALA C 24 -5.93 19.45 -9.62
C ALA C 24 -6.58 18.96 -10.91
N VAL C 25 -5.74 18.51 -11.83
CA VAL C 25 -6.20 18.05 -13.11
C VAL C 25 -6.11 16.54 -13.16
N GLU C 26 -4.95 16.02 -12.78
CA GLU C 26 -4.79 14.60 -12.60
C GLU C 26 -5.84 14.09 -11.62
N PRO C 27 -6.11 12.78 -11.66
CA PRO C 27 -7.14 12.35 -10.74
C PRO C 27 -6.62 12.20 -9.31
N ASP C 28 -7.48 12.63 -8.38
CA ASP C 28 -7.30 12.51 -6.93
C ASP C 28 -6.12 13.33 -6.35
N GLN C 29 -5.87 14.52 -6.92
CA GLN C 29 -4.89 15.48 -6.39
C GLN C 29 -3.55 14.87 -6.00
N PRO C 30 -2.82 14.34 -6.97
CA PRO C 30 -1.49 13.85 -6.62
C PRO C 30 -0.62 15.00 -6.13
N ILE C 31 0.23 14.72 -5.16
CA ILE C 31 1.22 15.67 -4.69
C ILE C 31 2.29 15.78 -5.76
N ILE C 32 2.68 17.01 -6.11
CA ILE C 32 3.79 17.20 -7.03
C ILE C 32 4.98 17.90 -6.37
N TYR C 33 4.77 18.34 -5.14
CA TYR C 33 5.82 19.02 -4.40
C TYR C 33 5.47 19.12 -2.93
N VAL C 34 6.51 18.96 -2.11
CA VAL C 34 6.48 19.26 -0.68
C VAL C 34 7.81 19.94 -0.31
N ASN C 35 7.76 20.96 0.52
CA ASN C 35 8.99 21.62 0.99
C ASN C 35 9.70 20.83 2.13
N THR C 36 10.84 21.32 2.56
CA THR C 36 11.65 20.62 3.54
C THR C 36 11.03 20.61 4.92
N VAL C 37 10.26 21.65 5.25
CA VAL C 37 9.52 21.68 6.51
C VAL C 37 8.60 20.47 6.60
N PHE C 38 7.84 20.24 5.53
CA PHE C 38 6.99 19.06 5.44
C PHE C 38 7.78 17.79 5.71
N GLU C 39 8.86 17.57 4.98
CA GLU C 39 9.66 16.36 5.15
C GLU C 39 10.15 16.23 6.58
N MET C 40 10.61 17.34 7.14
CA MET C 40 11.16 17.35 8.47
C MET C 40 10.12 17.03 9.49
N VAL C 41 8.98 17.72 9.42
CA VAL C 41 7.98 17.56 10.46
C VAL C 41 7.22 16.22 10.34
N THR C 42 7.00 15.70 9.13
CA THR C 42 6.20 14.51 8.97
C THR C 42 7.09 13.29 9.08
N GLY C 43 8.37 13.44 8.76
CA GLY C 43 9.28 12.31 8.71
C GLY C 43 9.30 11.61 7.38
N TYR C 44 8.41 12.03 6.50
CA TYR C 44 8.32 11.48 5.16
C TYR C 44 9.22 12.26 4.18
N ARG C 45 10.06 11.59 3.41
CA ARG C 45 10.89 12.33 2.46
C ARG C 45 10.11 12.46 1.16
N ALA C 46 10.42 13.50 0.42
CA ALA C 46 9.64 13.88 -0.75
C ALA C 46 9.42 12.74 -1.77
N GLU C 47 10.39 11.85 -1.94
CA GLU C 47 10.21 10.75 -2.89
C GLU C 47 9.22 9.70 -2.39
N GLU C 48 8.95 9.67 -1.09
CA GLU C 48 7.96 8.73 -0.50
C GLU C 48 6.50 9.18 -0.65
N VAL C 49 6.26 10.43 -1.01
CA VAL C 49 4.92 11.01 -0.97
C VAL C 49 4.47 11.55 -2.31
N LEU C 50 5.43 11.86 -3.18
CA LEU C 50 5.10 12.30 -4.54
C LEU C 50 4.26 11.28 -5.29
N GLY C 51 3.25 11.77 -5.98
CA GLY C 51 2.36 10.92 -6.74
C GLY C 51 1.11 10.53 -5.99
N ARG C 52 1.09 10.81 -4.69
CA ARG C 52 0.04 10.39 -3.79
C ARG C 52 -0.83 11.54 -3.31
N ASN C 53 -1.96 11.17 -2.74
CA ASN C 53 -2.89 12.10 -2.16
C ASN C 53 -2.48 12.25 -0.70
N CYS C 54 -2.55 13.48 -0.18
CA CYS C 54 -2.05 13.82 1.17
C CYS C 54 -2.78 13.14 2.33
N ARG C 55 -3.91 12.51 2.03
CA ARG C 55 -4.71 11.83 3.03
C ARG C 55 -3.93 10.74 3.77
N PHE C 56 -2.82 10.31 3.20
CA PHE C 56 -1.98 9.31 3.86
C PHE C 56 -1.52 9.81 5.20
N LEU C 57 -1.44 11.12 5.37
CA LEU C 57 -1.10 11.68 6.69
C LEU C 57 -2.17 11.43 7.74
N GLN C 58 -3.39 11.09 7.32
CA GLN C 58 -4.49 10.80 8.23
C GLN C 58 -4.46 9.32 8.69
N CYS C 59 -3.60 8.53 8.05
CA CYS C 59 -3.37 7.15 8.44
C CYS C 59 -2.19 7.09 9.40
N ARG C 60 -2.20 6.14 10.33
CA ARG C 60 -1.15 6.10 11.33
C ARG C 60 0.08 5.34 10.85
N GLY C 61 0.99 6.09 10.26
CA GLY C 61 2.24 5.52 9.78
C GLY C 61 2.11 5.05 8.35
N PRO C 62 3.22 4.60 7.76
CA PRO C 62 3.23 4.14 6.37
C PRO C 62 2.60 2.78 6.10
N PHE C 63 2.31 1.96 7.11
CA PHE C 63 1.75 0.62 6.86
C PHE C 63 0.30 0.49 7.26
N ALA C 64 -0.41 1.62 7.30
CA ALA C 64 -1.84 1.67 7.62
C ALA C 64 -2.59 2.29 6.46
N LYS C 65 -3.52 1.56 5.86
CA LYS C 65 -4.15 2.02 4.63
C LYS C 65 -5.32 3.01 4.81
N ARG C 66 -5.99 3.03 5.95
CA ARG C 66 -7.19 3.87 6.10
C ARG C 66 -7.04 4.94 7.20
N ARG C 67 -7.80 6.01 7.00
CA ARG C 67 -7.88 7.11 7.94
C ARG C 67 -8.14 6.56 9.33
N HIS C 68 -7.30 6.97 10.27
CA HIS C 68 -7.43 6.56 11.64
C HIS C 68 -8.74 7.08 12.23
N PRO C 69 -9.34 6.32 13.16
CA PRO C 69 -10.64 6.77 13.71
C PRO C 69 -10.61 8.08 14.50
N LEU C 70 -9.43 8.53 14.94
CA LEU C 70 -9.32 9.69 15.83
C LEU C 70 -9.20 10.97 15.02
N VAL C 71 -9.10 10.82 13.70
CA VAL C 71 -9.16 11.95 12.78
C VAL C 71 -10.62 12.40 12.59
N ASP C 72 -10.82 13.71 12.71
CA ASP C 72 -12.13 14.34 12.64
C ASP C 72 -12.77 14.21 11.25
N SER C 73 -13.72 13.30 11.17
CA SER C 73 -14.33 12.93 9.93
C SER C 73 -15.21 14.07 9.42
N MET C 74 -15.56 15.00 10.32
CA MET C 74 -16.38 16.17 9.92
C MET C 74 -15.55 17.18 9.12
N VAL C 75 -14.32 17.42 9.58
CA VAL C 75 -13.38 18.29 8.90
C VAL C 75 -12.85 17.67 7.60
N VAL C 76 -12.60 16.36 7.61
CA VAL C 76 -12.23 15.70 6.40
C VAL C 76 -13.32 15.92 5.35
N SER C 77 -14.57 15.92 5.77
CA SER C 77 -15.68 16.06 4.85
C SER C 77 -15.67 17.45 4.27
N GLU C 78 -15.44 18.41 5.15
CA GLU C 78 -15.41 19.80 4.79
C GLU C 78 -14.24 20.12 3.82
N ILE C 79 -13.03 19.60 4.10
CA ILE C 79 -11.91 19.71 3.17
C ILE C 79 -12.29 19.20 1.79
N ARG C 80 -12.84 17.99 1.78
CA ARG C 80 -13.28 17.34 0.56
C ARG C 80 -14.16 18.25 -0.29
N LYS C 81 -15.12 18.90 0.38
CA LYS C 81 -16.09 19.74 -0.29
C LYS C 81 -15.46 21.05 -0.78
N CYS C 82 -14.65 21.70 0.05
CA CYS C 82 -13.93 22.91 -0.38
C CYS C 82 -13.13 22.68 -1.65
N ILE C 83 -12.42 21.55 -1.68
CA ILE C 83 -11.64 21.15 -2.84
C ILE C 83 -12.52 20.95 -4.06
N ASP C 84 -13.58 20.16 -3.89
CA ASP C 84 -14.52 19.85 -4.98
C ASP C 84 -15.34 21.04 -5.42
N GLU C 85 -15.66 21.96 -4.50
CA GLU C 85 -16.31 23.23 -4.86
C GLU C 85 -15.29 24.26 -5.31
N GLY C 86 -14.01 23.88 -5.35
CA GLY C 86 -12.98 24.76 -5.86
C GLY C 86 -12.75 26.04 -5.08
N ILE C 87 -12.85 25.93 -3.77
CA ILE C 87 -12.72 27.07 -2.89
C ILE C 87 -11.70 26.80 -1.76
N GLU C 88 -11.46 27.83 -0.97
CA GLU C 88 -10.41 27.78 0.01
C GLU C 88 -10.89 26.97 1.22
N PHE C 89 -9.96 26.25 1.85
CA PHE C 89 -10.23 25.59 3.10
C PHE C 89 -9.28 26.11 4.19
N GLN C 90 -9.81 26.38 5.38
CA GLN C 90 -8.96 26.61 6.56
C GLN C 90 -9.48 25.85 7.77
N GLY C 91 -8.60 25.18 8.50
CA GLY C 91 -9.02 24.29 9.59
C GLY C 91 -7.90 23.46 10.21
N GLU C 92 -8.24 22.63 11.20
CA GLU C 92 -7.25 21.80 11.91
C GLU C 92 -7.57 20.31 11.78
N LEU C 93 -6.54 19.46 11.84
CA LEU C 93 -6.69 18.04 11.54
C LEU C 93 -5.60 17.21 12.15
N LEU C 94 -5.98 16.11 12.80
CA LEU C 94 -5.01 15.16 13.35
C LEU C 94 -4.32 14.46 12.19
N ASN C 95 -2.99 14.39 12.25
CA ASN C 95 -2.18 13.72 11.25
C ASN C 95 -1.18 12.90 12.02
N PHE C 96 -0.43 12.06 11.34
CA PHE C 96 0.57 11.22 11.97
C PHE C 96 1.86 11.28 11.18
N ARG C 97 2.98 11.35 11.88
CA ARG C 97 4.27 11.22 11.23
C ARG C 97 4.49 9.80 10.71
N LYS C 98 5.58 9.62 9.99
CA LYS C 98 6.02 8.30 9.54
C LYS C 98 6.29 7.34 10.73
N ASP C 99 6.73 7.90 11.85
CA ASP C 99 6.99 7.10 13.04
C ASP C 99 5.70 6.82 13.87
N GLY C 100 4.58 7.35 13.40
CA GLY C 100 3.28 7.01 13.94
C GLY C 100 2.76 8.02 14.91
N SER C 101 3.60 8.98 15.31
CA SER C 101 3.24 9.90 16.38
C SER C 101 2.33 10.95 15.85
N PRO C 102 1.40 11.40 16.70
CA PRO C 102 0.39 12.36 16.24
C PRO C 102 0.90 13.79 16.18
N LEU C 103 0.10 14.58 15.46
CA LEU C 103 0.50 15.84 14.91
C LEU C 103 -0.76 16.61 14.70
N MET C 104 -0.88 17.83 15.22
CA MET C 104 -1.95 18.68 14.74
C MET C 104 -1.48 19.53 13.57
N ASN C 105 -2.37 19.60 12.60
CA ASN C 105 -2.11 20.23 11.34
C ASN C 105 -3.19 21.26 11.06
N ARG C 106 -2.81 22.52 11.28
CA ARG C 106 -3.60 23.64 10.83
C ARG C 106 -3.31 23.82 9.34
N LEU C 107 -4.36 23.70 8.55
CA LEU C 107 -4.21 23.53 7.12
C LEU C 107 -4.97 24.63 6.42
N ARG C 108 -4.29 25.35 5.54
CA ARG C 108 -4.92 26.35 4.67
C ARG C 108 -4.75 25.82 3.25
N LEU C 109 -5.86 25.62 2.55
CA LEU C 109 -5.82 25.16 1.17
C LEU C 109 -6.27 26.23 0.23
N THR C 110 -5.53 26.41 -0.85
CA THR C 110 -5.75 27.53 -1.72
C THR C 110 -5.71 27.08 -3.17
N PRO C 111 -6.89 27.05 -3.83
CA PRO C 111 -6.91 26.65 -5.24
C PRO C 111 -6.29 27.71 -6.16
N ILE C 112 -5.58 27.24 -7.20
CA ILE C 112 -4.86 28.08 -8.14
C ILE C 112 -5.45 27.97 -9.55
N TYR C 113 -5.77 29.13 -10.13
CA TYR C 113 -6.31 29.21 -11.50
C TYR C 113 -5.24 29.34 -12.60
N GLY C 114 -5.40 28.55 -13.66
CA GLY C 114 -4.58 28.69 -14.86
C GLY C 114 -5.24 29.44 -16.01
N ASP C 115 -4.40 29.97 -16.91
CA ASP C 115 -4.77 30.62 -18.18
C ASP C 115 -6.25 30.58 -18.61
N ASP C 116 -6.86 29.40 -18.66
CA ASP C 116 -8.25 29.29 -19.11
C ASP C 116 -9.26 29.18 -17.96
N ASP C 117 -9.03 29.95 -16.90
CA ASP C 117 -9.81 29.90 -15.66
C ASP C 117 -10.40 28.56 -15.24
N THR C 118 -9.50 27.60 -15.12
CA THR C 118 -9.77 26.31 -14.53
C THR C 118 -8.78 26.20 -13.37
N ILE C 119 -9.09 25.38 -12.38
CA ILE C 119 -8.14 25.13 -11.32
C ILE C 119 -7.21 24.02 -11.78
N THR C 120 -5.92 24.32 -11.69
CA THR C 120 -4.85 23.49 -12.26
C THR C 120 -4.07 22.78 -11.13
N HIS C 121 -4.10 23.42 -9.97
CA HIS C 121 -3.25 23.11 -8.85
C HIS C 121 -3.95 23.55 -7.56
N ILE C 122 -3.65 22.88 -6.45
CA ILE C 122 -4.03 23.41 -5.14
C ILE C 122 -2.77 23.49 -4.29
N ILE C 123 -2.66 24.61 -3.55
CA ILE C 123 -1.54 24.88 -2.65
C ILE C 123 -1.95 24.52 -1.22
N GLY C 124 -1.07 23.83 -0.50
CA GLY C 124 -1.28 23.49 0.91
C GLY C 124 -0.25 24.13 1.82
N ILE C 125 -0.71 24.99 2.71
CA ILE C 125 0.15 25.58 3.75
C ILE C 125 -0.21 24.89 5.09
N GLN C 126 0.80 24.35 5.75
CA GLN C 126 0.59 23.55 6.96
C GLN C 126 1.34 24.12 8.14
N PHE C 127 0.60 24.49 9.18
CA PHE C 127 1.22 24.79 10.46
C PHE C 127 1.01 23.62 11.36
N PHE C 128 2.12 22.95 11.66
CA PHE C 128 2.13 21.82 12.57
C PHE C 128 2.30 22.32 13.97
N ILE C 129 1.22 22.31 14.71
CA ILE C 129 1.22 22.72 16.12
C ILE C 129 1.15 21.45 16.98
N GLU C 130 1.65 21.49 18.21
CA GLU C 130 1.72 20.26 19.03
C GLU C 130 0.33 19.97 19.59
N THR C 131 0.11 18.70 19.92
CA THR C 131 -1.21 18.28 20.36
C THR C 131 -1.14 17.51 21.65
N ASP C 132 -2.20 17.66 22.42
CA ASP C 132 -2.38 16.87 23.63
C ASP C 132 -2.77 15.43 23.28
N ILE C 133 -3.32 15.17 22.08
CA ILE C 133 -3.80 13.82 21.84
C ILE C 133 -2.56 12.88 21.83
N ASP C 134 -2.76 11.76 22.50
CA ASP C 134 -1.70 10.87 22.92
C ASP C 134 -2.26 9.45 22.91
N LEU C 135 -1.62 8.57 22.16
CA LEU C 135 -2.21 7.24 21.95
C LEU C 135 -1.48 6.20 22.78
N GLY C 136 -0.63 6.67 23.68
CA GLY C 136 0.20 5.77 24.46
C GLY C 136 1.47 5.38 23.73
N PRO C 137 2.30 4.54 24.36
CA PRO C 137 2.02 3.98 25.68
C PRO C 137 2.25 5.01 26.79
N PRO D 16 -1.84 22.56 -20.35
CA PRO D 16 -0.54 21.97 -19.98
C PRO D 16 0.44 23.09 -19.62
N CYS D 17 0.29 23.63 -18.40
N CYS D 17 0.29 23.69 -18.45
CA CYS D 17 0.95 24.87 -17.99
CA CYS D 17 1.00 24.94 -18.16
C CYS D 17 2.25 24.59 -17.28
C CYS D 17 2.14 24.72 -17.18
N GLY D 18 3.16 25.57 -17.32
CA GLY D 18 4.33 25.56 -16.46
C GLY D 18 3.89 26.05 -15.09
N PHE D 19 4.48 25.52 -14.05
CA PHE D 19 4.08 25.86 -12.70
C PHE D 19 5.33 26.13 -11.95
N VAL D 20 5.41 27.30 -11.33
CA VAL D 20 6.60 27.69 -10.58
C VAL D 20 6.20 28.24 -9.22
N VAL D 21 6.99 27.92 -8.20
CA VAL D 21 6.80 28.50 -6.88
C VAL D 21 8.07 29.23 -6.46
N THR D 22 7.93 30.46 -5.98
CA THR D 22 9.07 31.18 -5.40
C THR D 22 8.82 31.46 -3.92
N ASP D 23 9.92 31.60 -3.19
CA ASP D 23 9.91 31.98 -1.80
C ASP D 23 9.91 33.51 -1.72
N ALA D 24 8.76 34.08 -1.42
CA ALA D 24 8.60 35.54 -1.46
C ALA D 24 9.31 36.17 -0.30
N VAL D 25 9.73 35.36 0.65
CA VAL D 25 10.27 35.89 1.89
C VAL D 25 11.76 36.09 1.73
N GLU D 26 12.42 35.06 1.21
CA GLU D 26 13.82 35.15 0.85
C GLU D 26 14.00 36.25 -0.20
N PRO D 27 15.18 36.86 -0.21
CA PRO D 27 15.30 38.00 -1.12
C PRO D 27 15.44 37.51 -2.57
N ASP D 28 15.00 38.34 -3.51
CA ASP D 28 15.01 38.00 -4.92
C ASP D 28 14.18 36.77 -5.39
N GLN D 29 13.15 36.40 -4.66
CA GLN D 29 12.18 35.42 -5.14
C GLN D 29 12.79 34.15 -5.74
N PRO D 30 13.57 33.39 -4.95
CA PRO D 30 14.18 32.21 -5.55
C PRO D 30 13.16 31.12 -5.77
N ILE D 31 13.30 30.42 -6.89
CA ILE D 31 12.51 29.26 -7.20
C ILE D 31 12.80 28.13 -6.20
N ILE D 32 11.73 27.61 -5.58
CA ILE D 32 11.84 26.45 -4.69
C ILE D 32 11.21 25.22 -5.36
N TYR D 33 10.52 25.43 -6.48
CA TYR D 33 9.88 24.34 -7.20
C TYR D 33 9.46 24.73 -8.62
N VAL D 34 9.68 23.82 -9.56
CA VAL D 34 9.14 23.92 -10.92
C VAL D 34 8.63 22.56 -11.34
N ASN D 35 7.54 22.57 -12.09
CA ASN D 35 6.90 21.32 -12.52
C ASN D 35 7.57 20.79 -13.79
N THR D 36 7.10 19.66 -14.27
CA THR D 36 7.81 18.87 -15.25
C THR D 36 7.60 19.46 -16.63
N VAL D 37 6.46 20.14 -16.78
CA VAL D 37 6.18 20.94 -17.94
C VAL D 37 7.19 22.08 -18.08
N PHE D 38 7.39 22.85 -17.00
CA PHE D 38 8.42 23.86 -16.99
C PHE D 38 9.73 23.24 -17.44
N GLU D 39 10.05 22.08 -16.91
CA GLU D 39 11.31 21.44 -17.24
C GLU D 39 11.43 21.07 -18.73
N MET D 40 10.42 20.38 -19.23
CA MET D 40 10.41 19.91 -20.61
C MET D 40 10.33 21.03 -21.62
N VAL D 41 9.50 22.01 -21.35
CA VAL D 41 9.32 23.10 -22.29
C VAL D 41 10.52 24.05 -22.33
N THR D 42 11.09 24.39 -21.18
CA THR D 42 12.22 25.31 -21.16
C THR D 42 13.51 24.57 -21.44
N GLY D 43 13.54 23.28 -21.10
CA GLY D 43 14.76 22.48 -21.22
C GLY D 43 15.76 22.70 -20.09
N TYR D 44 15.33 23.48 -19.08
CA TYR D 44 16.08 23.66 -17.84
C TYR D 44 15.54 22.63 -16.83
N ARG D 45 16.40 21.75 -16.30
CA ARG D 45 15.94 20.82 -15.27
C ARG D 45 15.96 21.50 -13.90
N ALA D 46 15.12 20.99 -13.02
CA ALA D 46 14.84 21.64 -11.77
C ALA D 46 16.11 22.00 -11.00
N GLU D 47 17.14 21.15 -11.10
CA GLU D 47 18.39 21.39 -10.39
C GLU D 47 19.15 22.60 -10.91
N GLU D 48 18.98 22.90 -12.20
CA GLU D 48 19.66 24.07 -12.76
C GLU D 48 18.95 25.37 -12.39
N VAL D 49 17.72 25.31 -11.89
CA VAL D 49 16.91 26.51 -11.71
C VAL D 49 16.51 26.74 -10.26
N LEU D 50 16.48 25.71 -9.43
CA LEU D 50 16.12 25.92 -8.03
C LEU D 50 17.17 26.77 -7.35
N GLY D 51 16.71 27.82 -6.66
CA GLY D 51 17.60 28.74 -5.98
C GLY D 51 17.83 30.02 -6.74
N ARG D 52 17.43 30.06 -8.01
CA ARG D 52 17.61 31.26 -8.85
C ARG D 52 16.31 32.04 -9.01
N ASN D 53 16.45 33.31 -9.36
CA ASN D 53 15.32 34.10 -9.79
C ASN D 53 14.92 33.72 -11.24
N CYS D 54 13.62 33.76 -11.57
CA CYS D 54 13.17 33.34 -12.91
C CYS D 54 13.64 34.21 -14.09
N ARG D 55 14.20 35.39 -13.81
CA ARG D 55 14.60 36.27 -14.90
C ARG D 55 15.63 35.66 -15.86
N PHE D 56 16.20 34.49 -15.54
CA PHE D 56 17.18 33.92 -16.47
C PHE D 56 16.52 33.47 -17.76
N LEU D 57 15.22 33.21 -17.72
CA LEU D 57 14.46 32.92 -18.92
C LEU D 57 14.41 34.08 -19.93
N GLN D 58 14.73 35.27 -19.48
CA GLN D 58 14.79 36.42 -20.36
C GLN D 58 16.12 36.58 -21.06
N CYS D 59 17.05 35.68 -20.77
CA CYS D 59 18.35 35.68 -21.43
C CYS D 59 18.40 34.56 -22.44
N ARG D 60 18.98 34.81 -23.60
CA ARG D 60 18.94 33.81 -24.65
C ARG D 60 19.97 32.72 -24.44
N GLY D 61 19.55 31.67 -23.75
CA GLY D 61 20.44 30.56 -23.45
C GLY D 61 21.32 30.79 -22.23
N PRO D 62 22.03 29.74 -21.81
CA PRO D 62 22.87 29.84 -20.60
C PRO D 62 24.13 30.70 -20.75
N PHE D 63 24.52 31.11 -21.95
CA PHE D 63 25.72 31.94 -22.10
C PHE D 63 25.39 33.42 -22.22
N ALA D 64 24.14 33.75 -22.46
CA ALA D 64 23.72 35.15 -22.48
C ALA D 64 23.66 35.68 -21.04
N LYS D 65 24.48 36.70 -20.78
CA LYS D 65 24.63 37.30 -19.46
C LYS D 65 23.64 38.44 -19.17
N ARG D 66 22.88 38.81 -20.21
CA ARG D 66 21.94 39.92 -20.17
C ARG D 66 20.57 39.54 -20.75
N ARG D 67 19.54 40.19 -20.26
CA ARG D 67 18.23 40.08 -20.85
C ARG D 67 18.28 40.38 -22.35
N HIS D 68 17.55 39.63 -23.15
CA HIS D 68 17.54 39.85 -24.59
C HIS D 68 16.81 41.16 -24.93
N PRO D 69 17.28 41.92 -25.95
CA PRO D 69 16.64 43.18 -26.34
C PRO D 69 15.16 43.03 -26.72
N LEU D 70 14.77 41.83 -27.12
CA LEU D 70 13.41 41.61 -27.56
C LEU D 70 12.47 41.26 -26.41
N VAL D 71 12.95 41.10 -25.17
CA VAL D 71 11.96 40.92 -24.12
C VAL D 71 11.63 42.31 -23.68
N ASP D 72 10.32 42.55 -23.68
CA ASP D 72 9.66 43.84 -23.51
C ASP D 72 9.84 44.36 -22.10
N SER D 73 10.67 45.40 -22.02
CA SER D 73 11.09 45.93 -20.76
C SER D 73 9.92 46.64 -20.00
N MET D 74 8.89 47.08 -20.71
CA MET D 74 7.72 47.68 -20.03
C MET D 74 6.94 46.61 -19.28
N VAL D 75 6.84 45.40 -19.83
CA VAL D 75 6.23 44.28 -19.12
C VAL D 75 7.07 43.82 -17.92
N VAL D 76 8.38 43.73 -18.11
CA VAL D 76 9.25 43.33 -17.04
C VAL D 76 9.07 44.30 -15.87
N SER D 77 9.07 45.60 -16.17
CA SER D 77 8.83 46.64 -15.17
C SER D 77 7.54 46.39 -14.42
N GLU D 78 6.49 46.12 -15.17
CA GLU D 78 5.19 45.83 -14.61
C GLU D 78 5.20 44.61 -13.67
N ILE D 79 5.87 43.55 -14.09
CA ILE D 79 6.05 42.39 -13.25
C ILE D 79 6.72 42.82 -11.93
N ARG D 80 7.77 43.61 -12.04
CA ARG D 80 8.50 43.93 -10.86
C ARG D 80 7.68 44.75 -9.87
N LYS D 81 6.76 45.53 -10.42
CA LYS D 81 5.95 46.43 -9.65
C LYS D 81 4.86 45.63 -8.96
N CYS D 82 4.24 44.68 -9.67
CA CYS D 82 3.23 43.84 -9.03
C CYS D 82 3.79 43.08 -7.85
N ILE D 83 4.96 42.48 -8.08
CA ILE D 83 5.62 41.68 -7.07
C ILE D 83 5.90 42.56 -5.87
N ASP D 84 6.47 43.72 -6.14
CA ASP D 84 6.72 44.74 -5.13
C ASP D 84 5.54 45.17 -4.29
N GLU D 85 4.36 45.07 -4.88
CA GLU D 85 3.14 45.58 -4.27
C GLU D 85 2.23 44.49 -3.83
N GLY D 86 2.71 43.25 -3.90
CA GLY D 86 1.95 42.12 -3.41
C GLY D 86 0.67 41.83 -4.15
N ILE D 87 0.59 42.18 -5.43
CA ILE D 87 -0.60 41.92 -6.24
C ILE D 87 -0.29 40.98 -7.38
N GLU D 88 -1.32 40.56 -8.09
CA GLU D 88 -1.14 39.59 -9.16
C GLU D 88 -0.58 40.27 -10.40
N PHE D 89 -0.20 39.45 -11.38
CA PHE D 89 0.26 39.95 -12.65
C PHE D 89 -0.24 39.00 -13.71
N GLN D 90 -0.77 39.56 -14.78
CA GLN D 90 -1.07 38.76 -15.96
C GLN D 90 -0.45 39.48 -17.15
N GLY D 91 0.34 38.76 -17.95
CA GLY D 91 0.93 39.36 -19.14
C GLY D 91 1.69 38.42 -20.04
N GLU D 92 2.33 39.01 -21.05
CA GLU D 92 3.08 38.25 -22.05
C GLU D 92 4.47 38.81 -22.19
N LEU D 93 5.46 37.93 -22.21
CA LEU D 93 6.80 38.34 -22.56
C LEU D 93 7.57 37.17 -23.12
N LEU D 94 8.59 37.52 -23.89
CA LEU D 94 9.48 36.62 -24.58
C LEU D 94 10.42 36.00 -23.58
N ASN D 95 10.57 34.68 -23.66
CA ASN D 95 11.53 33.90 -22.88
C ASN D 95 12.31 32.97 -23.85
N PHE D 96 13.34 32.30 -23.34
CA PHE D 96 14.12 31.41 -24.20
C PHE D 96 14.36 30.08 -23.49
N ARG D 97 14.22 28.99 -24.26
CA ARG D 97 14.72 27.68 -23.85
C ARG D 97 16.23 27.70 -23.58
N LYS D 98 16.71 26.71 -22.85
CA LYS D 98 18.14 26.55 -22.64
C LYS D 98 18.93 26.46 -23.95
N ASP D 99 18.32 25.90 -24.99
CA ASP D 99 19.03 25.74 -26.26
C ASP D 99 18.90 27.03 -27.10
N GLY D 100 18.25 28.03 -26.52
CA GLY D 100 18.27 29.40 -27.02
C GLY D 100 17.06 29.79 -27.83
N SER D 101 16.17 28.85 -28.08
CA SER D 101 15.03 29.10 -28.95
C SER D 101 13.97 29.95 -28.29
N PRO D 102 13.41 30.91 -29.04
CA PRO D 102 12.44 31.79 -28.42
C PRO D 102 11.14 31.10 -28.11
N LEU D 103 10.54 31.58 -27.04
CA LEU D 103 9.33 31.06 -26.47
C LEU D 103 8.54 32.26 -25.98
N MET D 104 7.26 32.29 -26.29
CA MET D 104 6.42 33.36 -25.81
C MET D 104 5.70 32.89 -24.53
N ASN D 105 5.71 33.71 -23.49
CA ASN D 105 5.32 33.22 -22.18
C ASN D 105 4.16 34.06 -21.66
N ARG D 106 2.96 33.48 -21.71
CA ARG D 106 1.80 34.09 -21.09
C ARG D 106 1.85 33.73 -19.62
N LEU D 107 2.20 34.73 -18.82
CA LEU D 107 2.61 34.55 -17.44
C LEU D 107 1.53 35.11 -16.54
N ARG D 108 1.10 34.31 -15.56
CA ARG D 108 0.28 34.79 -14.45
C ARG D 108 1.02 34.57 -13.12
N LEU D 109 1.14 35.64 -12.33
CA LEU D 109 1.71 35.56 -10.99
C LEU D 109 0.66 35.78 -9.95
N THR D 110 0.70 34.98 -8.90
CA THR D 110 -0.32 35.00 -7.85
C THR D 110 0.30 34.89 -6.45
N PRO D 111 0.27 36.01 -5.69
CA PRO D 111 0.86 35.93 -4.33
C PRO D 111 0.09 35.01 -3.38
N ILE D 112 0.83 34.38 -2.46
CA ILE D 112 0.30 33.37 -1.53
C ILE D 112 0.53 33.77 -0.08
N TYR D 113 -0.53 33.67 0.73
CA TYR D 113 -0.46 34.00 2.14
C TYR D 113 -0.37 32.77 3.06
N GLY D 114 0.74 32.70 3.81
CA GLY D 114 1.00 31.65 4.78
C GLY D 114 0.29 31.93 6.11
N ASP D 115 0.35 33.18 6.54
CA ASP D 115 -0.58 33.70 7.53
C ASP D 115 -0.76 35.18 7.30
N ASP D 116 -1.66 35.79 8.06
CA ASP D 116 -2.30 37.00 7.61
C ASP D 116 -1.31 38.16 7.46
N ASP D 117 -1.55 38.90 6.37
CA ASP D 117 -0.82 40.13 6.02
C ASP D 117 0.63 39.88 5.61
N THR D 118 0.92 38.67 5.16
CA THR D 118 2.28 38.34 4.73
C THR D 118 2.28 37.34 3.57
N ILE D 119 2.85 37.77 2.45
CA ILE D 119 3.09 36.92 1.30
C ILE D 119 4.33 36.02 1.56
N THR D 120 4.09 34.71 1.59
CA THR D 120 5.12 33.73 1.91
C THR D 120 5.72 33.14 0.66
N HIS D 121 4.88 33.02 -0.37
CA HIS D 121 5.28 32.47 -1.63
C HIS D 121 4.68 33.29 -2.77
N ILE D 122 5.18 33.10 -3.98
CA ILE D 122 4.49 33.56 -5.19
C ILE D 122 4.42 32.36 -6.09
N ILE D 123 3.30 32.23 -6.77
CA ILE D 123 3.08 31.17 -7.74
C ILE D 123 3.12 31.76 -9.15
N GLY D 124 3.64 30.99 -10.10
CA GLY D 124 3.67 31.38 -11.48
C GLY D 124 3.16 30.28 -12.38
N ILE D 125 2.13 30.62 -13.17
CA ILE D 125 1.57 29.74 -14.19
C ILE D 125 2.09 30.24 -15.54
N GLN D 126 2.69 29.36 -16.34
CA GLN D 126 3.31 29.75 -17.60
C GLN D 126 2.74 29.04 -18.78
N PHE D 127 2.02 29.77 -19.62
CA PHE D 127 1.48 29.17 -20.81
C PHE D 127 2.45 29.55 -21.92
N PHE D 128 3.26 28.58 -22.32
CA PHE D 128 4.31 28.81 -23.30
C PHE D 128 3.80 28.61 -24.74
N ILE D 129 4.24 29.49 -25.64
CA ILE D 129 3.74 29.60 -27.00
C ILE D 129 4.92 29.73 -27.99
N GLU D 130 5.01 28.87 -29.00
CA GLU D 130 6.18 28.87 -29.90
C GLU D 130 6.16 30.11 -30.82
N THR D 131 7.32 30.49 -31.37
CA THR D 131 7.39 31.61 -32.33
C THR D 131 8.49 31.42 -33.39
N ASP D 132 8.94 32.52 -34.00
CA ASP D 132 9.86 32.49 -35.15
C ASP D 132 10.76 33.73 -35.16
N ILE D 133 12.09 33.57 -35.31
CA ILE D 133 13.03 34.72 -35.52
C ILE D 133 14.58 34.39 -35.63
N ASP D 134 15.32 34.52 -34.51
CA ASP D 134 16.75 34.96 -34.40
C ASP D 134 17.93 34.30 -35.15
N LEU D 135 19.13 34.78 -34.77
CA LEU D 135 20.44 34.19 -35.11
C LEU D 135 20.86 33.11 -34.12
N1 FMN E . -10.42 -32.36 -4.30
C2 FMN E . -10.27 -33.55 -3.60
O2 FMN E . -10.97 -34.55 -3.85
N3 FMN E . -9.30 -33.62 -2.60
C4 FMN E . -8.52 -32.53 -2.28
O4 FMN E . -7.70 -32.60 -1.37
C4A FMN E . -8.66 -31.34 -2.97
N5 FMN E . -7.87 -30.26 -2.65
C5A FMN E . -7.99 -29.09 -3.34
C6 FMN E . -7.17 -28.03 -3.00
C7 FMN E . -7.29 -26.82 -3.70
C7M FMN E . -6.40 -25.65 -3.33
C8 FMN E . -8.24 -26.72 -4.72
C8M FMN E . -8.41 -25.46 -5.48
C9 FMN E . -9.06 -27.79 -5.05
C9A FMN E . -8.95 -28.99 -4.37
N10 FMN E . -9.75 -30.10 -4.70
C10 FMN E . -9.62 -31.27 -3.99
C1' FMN E . -10.86 -30.09 -5.70
C2' FMN E . -10.63 -30.52 -7.14
O2' FMN E . -9.34 -30.14 -7.54
C3' FMN E . -11.76 -29.95 -8.01
O3' FMN E . -11.84 -28.54 -7.87
C4' FMN E . -13.11 -30.61 -7.66
O4' FMN E . -13.10 -31.98 -8.00
C5' FMN E . -14.34 -29.99 -8.33
O5' FMN E . -14.04 -29.71 -9.69
P FMN E . -14.26 -30.76 -10.89
O1P FMN E . -14.05 -29.94 -12.15
O2P FMN E . -13.32 -31.95 -10.75
O3P FMN E . -15.63 -31.32 -10.86
HN3 FMN E . -9.18 -34.51 -2.07
H6 FMN E . -6.53 -28.08 -2.12
HM71 FMN E . -6.64 -24.80 -3.95
HM72 FMN E . -6.57 -25.39 -2.28
HM73 FMN E . -5.35 -25.93 -3.46
HM81 FMN E . -9.20 -25.57 -6.21
HM82 FMN E . -8.67 -24.65 -4.80
HM83 FMN E . -7.48 -25.20 -5.98
H9 FMN E . -9.79 -27.68 -5.85
H1'1 FMN E . -11.66 -30.70 -5.31
H1'2 FMN E . -11.25 -29.07 -5.74
H2' FMN E . -10.70 -31.60 -7.16
HO2' FMN E . -9.40 -29.56 -8.33
H3' FMN E . -11.53 -30.18 -9.05
HO3' FMN E . -12.75 -28.29 -7.58
H4' FMN E . -13.25 -30.51 -6.58
HO4' FMN E . -13.88 -32.18 -8.56
H5'1 FMN E . -15.17 -30.67 -8.27
H5'2 FMN E . -14.61 -29.06 -7.81
N1 FMN F . -1.41 -11.64 13.89
C2 FMN F . -0.27 -11.11 13.33
O2 FMN F . 0.10 -9.96 13.57
N3 FMN F . 0.48 -11.89 12.47
C4 FMN F . 0.11 -13.18 12.16
O4 FMN F . 0.80 -13.84 11.39
C4A FMN F . -1.04 -13.72 12.74
N5 FMN F . -1.42 -15.01 12.46
C5A FMN F . -2.56 -15.52 13.04
C6 FMN F . -2.94 -16.82 12.76
C7 FMN F . -4.08 -17.36 13.34
C7M FMN F . -4.46 -18.77 13.01
C8 FMN F . -4.83 -16.59 14.22
C8M FMN F . -6.06 -17.11 14.84
C9 FMN F . -4.46 -15.28 14.48
C9A FMN F . -3.31 -14.75 13.90
N10 FMN F . -2.92 -13.45 14.18
C10 FMN F . -1.80 -12.93 13.60
C1' FMN F . -3.74 -12.55 15.04
C2' FMN F . -3.47 -12.49 16.54
O2' FMN F . -3.14 -13.74 17.07
C3' FMN F . -4.69 -11.82 17.20
O3' FMN F . -5.89 -12.49 16.86
C4' FMN F . -4.78 -10.33 16.80
O4' FMN F . -3.60 -9.73 17.28
C5' FMN F . -6.03 -9.64 17.37
O5' FMN F . -6.13 -9.93 18.74
P FMN F . -5.76 -8.88 19.89
O1P FMN F . -6.06 -9.59 21.19
O2P FMN F . -4.27 -8.62 19.81
O3P FMN F . -6.56 -7.59 19.73
HN3 FMN F . 1.34 -11.50 12.06
H6 FMN F . -2.35 -17.42 12.08
HM71 FMN F . -5.36 -19.04 13.54
HM72 FMN F . -3.64 -19.44 13.30
HM73 FMN F . -4.62 -18.86 11.93
HM81 FMN F . -6.51 -16.33 15.45
HM82 FMN F . -6.75 -17.41 14.06
HM83 FMN F . -5.81 -17.97 15.46
H9 FMN F . -5.06 -14.67 15.15
H1'1 FMN F . -4.78 -12.83 14.91
H1'2 FMN F . -3.64 -11.54 14.65
H2' FMN F . -2.62 -11.83 16.68
HO2' FMN F . -3.77 -13.97 17.78
H3' FMN F . -4.55 -11.87 18.28
HO3' FMN F . -6.51 -11.87 16.45
H4' FMN F . -4.82 -10.27 15.73
HO4' FMN F . -3.82 -8.99 17.87
H5'1 FMN F . -5.94 -8.55 17.23
H5'2 FMN F . -6.92 -9.98 16.85
N1 FMN G . -4.97 16.23 4.39
C2 FMN G . -4.28 15.97 5.55
O2 FMN G . -4.74 15.19 6.38
N3 FMN G . -3.06 16.57 5.80
C4 FMN G . -2.52 17.45 4.89
O4 FMN G . -1.46 17.97 5.15
C4A FMN G . -3.22 17.72 3.70
N5 FMN G . -2.70 18.59 2.76
C5A FMN G . -3.38 18.82 1.58
C6 FMN G . -2.85 19.68 0.62
C7 FMN G . -3.53 19.94 -0.57
C7M FMN G . -2.91 20.89 -1.57
C8 FMN G . -4.75 19.30 -0.80
C8M FMN G . -5.52 19.53 -2.06
C9 FMN G . -5.26 18.42 0.16
C9A FMN G . -4.59 18.18 1.35
N10 FMN G . -5.11 17.30 2.29
C10 FMN G . -4.42 17.10 3.46
C1' FMN G . -6.46 16.65 2.17
C2' FMN G . -6.54 15.28 1.56
O2' FMN G . -5.67 15.24 0.45
C3' FMN G . -7.98 15.04 1.13
O3' FMN G . -8.35 16.12 0.32
C4' FMN G . -8.95 14.94 2.30
O4' FMN G . -8.56 13.83 3.11
C5' FMN G . -10.42 14.87 1.85
O5' FMN G . -10.66 13.93 0.82
P FMN G . -11.06 12.36 1.12
O1P FMN G . -11.49 11.74 -0.19
O2P FMN G . -9.83 11.63 1.65
O3P FMN G . -12.15 12.22 2.16
HN3 FMN G . -2.54 16.36 6.68
H6 FMN G . -1.88 20.16 0.81
HM71 FMN G . -3.57 20.97 -2.44
HM72 FMN G . -1.94 20.51 -1.88
HM73 FMN G . -2.79 21.88 -1.12
HM81 FMN G . -6.43 18.92 -2.04
HM82 FMN G . -4.91 19.23 -2.92
HM83 FMN G . -5.79 20.58 -2.15
H9 FMN G . -6.21 17.92 -0.04
H1'1 FMN G . -6.90 16.59 3.17
H1'2 FMN G . -7.10 17.31 1.60
H2' FMN G . -6.25 14.53 2.30
HO2' FMN G . -6.18 15.07 -0.36
H3' FMN G . -8.02 14.12 0.55
HO3' FMN G . -9.15 16.55 0.69
H4' FMN G . -8.83 15.84 2.89
HO4' FMN G . -9.33 13.23 3.22
H5'1 FMN G . -11.04 14.61 2.71
H5'2 FMN G . -10.74 15.86 1.51
N1 FMN H . 10.01 36.10 -15.61
C2 FMN H . 10.09 35.53 -16.86
O2 FMN H . 10.65 36.14 -17.76
N3 FMN H . 9.54 34.29 -17.11
C4 FMN H . 8.89 33.61 -16.10
O4 FMN H . 8.43 32.51 -16.35
C4A FMN H . 8.79 34.18 -14.83
N5 FMN H . 8.15 33.51 -13.83
C5A FMN H . 8.09 34.11 -12.58
C6 FMN H . 7.46 33.42 -11.56
C7 FMN H . 7.36 33.97 -10.28
C7M FMN H . 6.65 33.16 -9.24
C8 FMN H . 7.91 35.22 -10.01
C8M FMN H . 7.84 35.84 -8.65
C9 FMN H . 8.55 35.92 -11.05
C9A FMN H . 8.64 35.37 -12.34
N10 FMN H . 9.32 36.05 -13.35
C10 FMN H . 9.37 35.44 -14.59
C1' FMN H . 9.88 37.44 -13.19
C2' FMN H . 11.30 37.69 -12.71
O2' FMN H . 11.64 36.75 -11.71
C3' FMN H . 11.43 39.14 -12.21
O3' FMN H . 10.48 39.32 -11.20
C4' FMN H . 11.20 40.22 -13.27
O4' FMN H . 12.20 40.06 -14.24
C5' FMN H . 11.24 41.68 -12.78
O5' FMN H . 12.38 41.87 -11.99
P FMN H . 13.74 42.50 -12.55
O1P FMN H . 14.69 42.75 -11.42
O2P FMN H . 14.36 41.52 -13.54
O3P FMN H . 13.50 43.84 -13.19
HN3 FMN H . 9.62 33.87 -18.05
H6 FMN H . 7.04 32.44 -11.76
HM71 FMN H . 6.66 33.70 -8.30
HM72 FMN H . 5.62 32.98 -9.56
HM73 FMN H . 7.16 32.20 -9.11
HM81 FMN H . 8.33 36.81 -8.66
HM82 FMN H . 8.35 35.19 -7.93
HM83 FMN H . 6.80 35.96 -8.36
H9 FMN H . 8.99 36.90 -10.85
H1'1 FMN H . 9.77 37.95 -14.14
H1'2 FMN H . 9.21 37.97 -12.49
H2' FMN H . 11.97 37.56 -13.56
HO2' FMN H . 11.90 37.22 -10.89
H3' FMN H . 12.44 39.28 -11.80
HO3' FMN H . 9.91 40.08 -11.41
H4' FMN H . 10.22 40.04 -13.72
HO4' FMN H . 12.67 40.91 -14.36
H5'1 FMN H . 11.27 42.35 -13.64
H5'2 FMN H . 10.35 41.90 -12.20
#